data_1RWX
#
_entry.id   1RWX
#
_cell.length_a   63.371
_cell.length_b   63.371
_cell.length_c   162.399
_cell.angle_alpha   90.00
_cell.angle_beta   90.00
_cell.angle_gamma   90.00
#
_symmetry.space_group_name_H-M   'P 43 21 2'
#
loop_
_entity.id
_entity.type
_entity.pdbx_description
1 polymer 'Interleukin-1 beta convertase'
2 polymer 'Interleukin-1 beta convertase'
3 non-polymer '4-OXO-3-{6-[4-(QUINOXALIN-2-YLOXY)-BENZOYLAMINO]-2-THIOPHEN-2-YL-HEXANOYLAMINO}-BUTYRIC ACID'
4 water water
#
loop_
_entity_poly.entity_id
_entity_poly.type
_entity_poly.pdbx_seq_one_letter_code
_entity_poly.pdbx_strand_id
1 'polypeptide(L)'
;NPAMPTSSGSEGNVKLCSLEEAQRIWKQKSAEIYPIMDKSSRTRLALIICNEEFDSIPRRTGAEVDITGMTMLLQNLGYS
VDVKKNLTASDMTTELEAFAHRPEHKTSDSTFLVFMSHGIREGICGKKHSEQVPDILQLNAIFNMLNTKNCPSLKDKPKV
IIIQACRGDSPGVVWFKD
;
A
2 'polypeptide(L)'
;AIKKAHIEKDFIAFCSSTPDNVSWRHPTMGSVFIGRLIEHMQEYACSCDVEEIFRKVRFSFEQPDGRAQMPTTERVTLTR
CFYLFPGH
;
B
#
loop_
_chem_comp.id
_chem_comp.type
_chem_comp.name
_chem_comp.formula
YBH non-polymer '4-OXO-3-{6-[4-(QUINOXALIN-2-YLOXY)-BENZOYLAMINO]-2-THIOPHEN-2-YL-HEXANOYLAMINO}-BUTYRIC ACID' 'C29 H28 N4 O6 S'
#
# COMPACT_ATOMS: atom_id res chain seq x y z
N ASN A 1 5.95 25.63 -16.27
CA ASN A 1 5.82 24.19 -16.65
C ASN A 1 6.15 23.96 -18.13
N PRO A 2 6.81 22.83 -18.42
CA PRO A 2 7.18 22.49 -19.80
C PRO A 2 5.97 22.25 -20.71
N ALA A 3 6.14 22.48 -22.00
CA ALA A 3 5.07 22.26 -22.98
C ALA A 3 4.62 20.80 -23.00
N MET A 4 5.60 19.90 -23.09
CA MET A 4 5.35 18.47 -23.02
C MET A 4 5.80 17.92 -21.66
N PRO A 5 4.97 17.10 -21.03
CA PRO A 5 5.32 16.52 -19.72
C PRO A 5 6.51 15.56 -19.83
N THR A 6 7.36 15.57 -18.80
CA THR A 6 8.58 14.76 -18.79
C THR A 6 8.67 13.90 -17.53
N SER A 7 9.20 12.69 -17.69
CA SER A 7 9.37 11.74 -16.59
C SER A 7 10.75 11.87 -15.93
N SER A 8 11.50 12.89 -16.33
CA SER A 8 12.86 13.11 -15.82
C SER A 8 12.88 13.77 -14.43
N GLY A 9 11.73 14.30 -14.01
CA GLY A 9 11.60 14.94 -12.70
C GLY A 9 11.43 13.94 -11.57
N SER A 10 11.29 14.45 -10.35
CA SER A 10 11.20 13.62 -9.15
C SER A 10 9.94 12.76 -9.10
N GLU A 11 8.88 13.21 -9.78
CA GLU A 11 7.60 12.49 -9.80
C GLU A 11 7.51 11.45 -10.91
N GLY A 12 8.53 11.39 -11.76
CA GLY A 12 8.62 10.39 -12.80
C GLY A 12 7.36 10.26 -13.64
N ASN A 13 6.84 9.03 -13.72
CA ASN A 13 5.65 8.73 -14.53
C ASN A 13 4.30 9.11 -13.89
N VAL A 14 4.33 9.64 -12.66
CA VAL A 14 3.11 10.06 -11.98
C VAL A 14 2.62 11.40 -12.53
N LYS A 15 1.38 11.41 -13.02
CA LYS A 15 0.76 12.62 -13.57
C LYS A 15 0.62 13.69 -12.50
N LEU A 16 1.07 14.89 -12.83
CA LEU A 16 1.10 16.00 -11.89
C LEU A 16 -0.27 16.61 -11.66
N CYS A 17 -0.51 17.04 -10.42
CA CYS A 17 -1.69 17.80 -10.07
C CYS A 17 -1.35 19.29 -10.17
N SER A 18 -2.06 20.01 -11.04
CA SER A 18 -1.84 21.43 -11.23
C SER A 18 -2.39 22.25 -10.06
N LEU A 19 -2.02 23.53 -10.01
CA LEU A 19 -2.50 24.45 -8.97
C LEU A 19 -3.99 24.77 -9.14
N GLU A 20 -4.46 24.75 -10.39
CA GLU A 20 -5.87 24.94 -10.69
C GLU A 20 -6.70 23.76 -10.19
N GLU A 21 -6.16 22.56 -10.37
CA GLU A 21 -6.81 21.32 -9.93
C GLU A 21 -6.78 21.18 -8.41
N ALA A 22 -5.67 21.58 -7.80
CA ALA A 22 -5.49 21.50 -6.35
C ALA A 22 -6.45 22.41 -5.59
N GLN A 23 -6.70 23.60 -6.14
CA GLN A 23 -7.64 24.55 -5.56
C GLN A 23 -9.10 24.13 -5.80
N ARG A 24 -9.33 23.46 -6.93
CA ARG A 24 -10.64 22.92 -7.28
C ARG A 24 -11.05 21.81 -6.31
N ILE A 25 -10.09 20.95 -5.96
CA ILE A 25 -10.31 19.89 -4.98
C ILE A 25 -10.48 20.49 -3.58
N TRP A 26 -9.73 21.56 -3.30
CA TRP A 26 -9.85 22.31 -2.05
C TRP A 26 -11.20 23.01 -1.92
N LYS A 27 -11.86 23.23 -3.05
CA LYS A 27 -13.16 23.90 -3.09
C LYS A 27 -14.34 22.93 -3.14
N GLN A 28 -14.20 21.87 -3.94
CA GLN A 28 -15.25 20.87 -4.09
C GLN A 28 -15.55 20.12 -2.80
N LYS A 29 -14.52 19.95 -1.96
CA LYS A 29 -14.66 19.39 -0.63
C LYS A 29 -14.16 20.40 0.41
N SER A 30 -14.99 20.66 1.42
CA SER A 30 -14.70 21.69 2.42
C SER A 30 -13.60 21.29 3.40
N ALA A 31 -13.99 20.75 4.55
CA ALA A 31 -13.06 20.34 5.59
C ALA A 31 -13.00 18.82 5.74
N GLU A 32 -13.11 18.12 4.62
CA GLU A 32 -13.12 16.66 4.61
C GLU A 32 -11.93 16.07 3.84
N ILE A 33 -10.81 16.80 3.82
CA ILE A 33 -9.57 16.33 3.23
C ILE A 33 -8.45 16.33 4.28
N TYR A 34 -7.59 15.31 4.22
CA TYR A 34 -6.42 15.25 5.10
C TYR A 34 -5.43 16.35 4.74
N PRO A 35 -4.95 17.10 5.75
CA PRO A 35 -3.99 18.18 5.51
C PRO A 35 -2.63 17.67 5.05
N ILE A 36 -2.02 18.36 4.10
CA ILE A 36 -0.67 18.02 3.64
C ILE A 36 0.34 19.03 4.17
N MET A 37 1.49 18.52 4.62
CA MET A 37 2.55 19.38 5.16
C MET A 37 3.33 20.05 4.02
N ASP A 38 4.02 21.13 4.35
CA ASP A 38 4.85 21.85 3.39
C ASP A 38 5.92 20.94 2.80
N LYS A 39 6.05 20.99 1.47
CA LYS A 39 6.99 20.14 0.73
C LYS A 39 8.45 20.37 1.13
N SER A 40 8.74 21.59 1.58
CA SER A 40 10.11 21.99 1.92
C SER A 40 10.63 21.37 3.21
N SER A 41 9.72 21.05 4.13
CA SER A 41 10.09 20.62 5.48
C SER A 41 9.67 19.21 5.86
N ARG A 42 8.70 18.63 5.14
CA ARG A 42 8.14 17.32 5.50
C ARG A 42 9.11 16.16 5.26
N THR A 43 9.00 15.13 6.10
CA THR A 43 9.86 13.94 6.02
C THR A 43 9.02 12.68 5.91
N ARG A 44 8.43 12.47 4.73
CA ARG A 44 7.57 11.32 4.48
C ARG A 44 8.35 10.01 4.44
N LEU A 45 7.81 8.99 5.11
CA LEU A 45 8.43 7.68 5.18
C LEU A 45 7.51 6.59 4.62
N ALA A 46 8.12 5.59 3.97
CA ALA A 46 7.41 4.41 3.50
C ALA A 46 8.27 3.18 3.72
N LEU A 47 7.64 2.03 3.91
CA LEU A 47 8.36 0.76 4.12
C LEU A 47 7.85 -0.34 3.21
N ILE A 48 8.77 -1.01 2.54
CA ILE A 48 8.45 -2.18 1.72
C ILE A 48 9.14 -3.40 2.32
N ILE A 49 8.33 -4.40 2.67
CA ILE A 49 8.84 -5.71 3.07
C ILE A 49 8.45 -6.69 1.97
N CYS A 50 9.44 -7.34 1.36
CA CYS A 50 9.20 -8.28 0.28
C CYS A 50 10.00 -9.56 0.48
N ASN A 51 9.27 -10.68 0.50
CA ASN A 51 9.87 -11.99 0.64
C ASN A 51 9.85 -12.71 -0.71
N GLU A 52 11.03 -13.09 -1.20
CA GLU A 52 11.15 -13.79 -2.48
C GLU A 52 11.78 -15.18 -2.30
N GLU A 53 12.85 -15.25 -1.52
CA GLU A 53 13.55 -16.51 -1.25
C GLU A 53 13.07 -17.14 0.04
N PHE A 54 12.50 -18.34 -0.08
CA PHE A 54 11.93 -19.05 1.06
C PHE A 54 12.65 -20.37 1.30
N ASP A 55 12.63 -20.83 2.56
CA ASP A 55 13.24 -22.09 2.94
C ASP A 55 12.51 -23.31 2.37
N SER A 56 11.18 -23.27 2.43
CA SER A 56 10.37 -24.46 2.14
C SER A 56 9.23 -24.28 1.13
N ILE A 57 8.97 -23.04 0.73
CA ILE A 57 7.91 -22.76 -0.24
C ILE A 57 8.46 -22.14 -1.54
N PRO A 58 7.71 -22.24 -2.64
CA PRO A 58 8.21 -21.84 -3.97
C PRO A 58 8.74 -20.40 -4.06
N ARG A 59 9.77 -20.23 -4.89
CA ARG A 59 10.40 -18.93 -5.13
C ARG A 59 9.46 -17.96 -5.84
N ARG A 60 9.39 -16.74 -5.31
CA ARG A 60 8.50 -15.72 -5.86
C ARG A 60 9.16 -14.94 -7.00
N THR A 61 9.51 -15.66 -8.06
CA THR A 61 10.17 -15.08 -9.23
C THR A 61 9.35 -13.92 -9.82
N GLY A 62 10.03 -12.81 -10.08
CA GLY A 62 9.38 -11.61 -10.59
C GLY A 62 9.15 -10.56 -9.54
N ALA A 63 9.41 -10.90 -8.28
CA ALA A 63 9.23 -9.98 -7.14
C ALA A 63 10.10 -8.73 -7.25
N GLU A 64 11.28 -8.87 -7.86
CA GLU A 64 12.19 -7.75 -8.08
C GLU A 64 11.53 -6.64 -8.89
N VAL A 65 10.70 -7.03 -9.87
CA VAL A 65 9.91 -6.09 -10.67
C VAL A 65 8.93 -5.29 -9.79
N ASP A 66 8.27 -6.00 -8.86
CA ASP A 66 7.37 -5.36 -7.90
C ASP A 66 8.10 -4.37 -6.99
N ILE A 67 9.24 -4.80 -6.46
CA ILE A 67 10.07 -3.96 -5.59
C ILE A 67 10.46 -2.67 -6.30
N THR A 68 10.99 -2.82 -7.52
CA THR A 68 11.40 -1.67 -8.34
C THR A 68 10.23 -0.71 -8.59
N GLY A 69 9.10 -1.26 -9.04
CA GLY A 69 7.91 -0.47 -9.33
C GLY A 69 7.35 0.29 -8.15
N MET A 70 7.21 -0.40 -7.01
CA MET A 70 6.65 0.21 -5.80
C MET A 70 7.59 1.23 -5.16
N THR A 71 8.88 0.93 -5.16
CA THR A 71 9.89 1.84 -4.62
C THR A 71 9.90 3.16 -5.41
N MET A 72 9.95 3.05 -6.74
CA MET A 72 9.97 4.22 -7.61
C MET A 72 8.69 5.04 -7.49
N LEU A 73 7.54 4.36 -7.37
CA LEU A 73 6.25 5.04 -7.23
C LEU A 73 6.13 5.84 -5.93
N LEU A 74 6.48 5.21 -4.81
CA LEU A 74 6.38 5.86 -3.51
C LEU A 74 7.33 7.06 -3.41
N GLN A 75 8.51 6.93 -4.03
CA GLN A 75 9.46 8.04 -4.15
C GLN A 75 8.87 9.17 -5.00
N ASN A 76 8.26 8.82 -6.13
CA ASN A 76 7.55 9.79 -6.97
C ASN A 76 6.51 10.59 -6.18
N LEU A 77 5.87 9.92 -5.22
CA LEU A 77 4.82 10.52 -4.40
C LEU A 77 5.37 11.30 -3.20
N GLY A 78 6.69 11.26 -3.01
CA GLY A 78 7.35 12.07 -2.00
C GLY A 78 7.80 11.34 -0.76
N TYR A 79 7.79 10.00 -0.80
CA TYR A 79 8.15 9.19 0.35
C TYR A 79 9.58 8.65 0.28
N SER A 80 10.27 8.69 1.41
CA SER A 80 11.57 8.04 1.53
C SER A 80 11.34 6.56 1.87
N VAL A 81 11.85 5.68 1.01
CA VAL A 81 11.47 4.28 1.04
C VAL A 81 12.55 3.37 1.63
N ASP A 82 12.17 2.59 2.64
CA ASP A 82 12.98 1.50 3.17
C ASP A 82 12.57 0.20 2.49
N VAL A 83 13.55 -0.57 2.03
CA VAL A 83 13.29 -1.88 1.42
C VAL A 83 13.97 -2.99 2.23
N LYS A 84 13.15 -3.89 2.77
CA LYS A 84 13.64 -5.01 3.56
C LYS A 84 13.20 -6.33 2.93
N LYS A 85 14.12 -7.29 2.85
CA LYS A 85 13.89 -8.52 2.08
C LYS A 85 14.14 -9.78 2.89
N ASN A 86 13.34 -10.81 2.60
CA ASN A 86 13.49 -12.16 3.15
C ASN A 86 13.54 -12.20 4.68
N LEU A 87 12.40 -11.92 5.30
CA LEU A 87 12.29 -11.83 6.74
C LEU A 87 11.30 -12.87 7.29
N THR A 88 11.59 -13.37 8.49
CA THR A 88 10.64 -14.19 9.23
C THR A 88 9.54 -13.29 9.77
N ALA A 89 8.44 -13.88 10.23
CA ALA A 89 7.35 -13.12 10.85
C ALA A 89 7.86 -12.32 12.06
N SER A 90 8.79 -12.92 12.80
CA SER A 90 9.45 -12.25 13.92
C SER A 90 10.27 -11.04 13.46
N ASP A 91 10.99 -11.21 12.35
CA ASP A 91 11.79 -10.13 11.75
C ASP A 91 10.90 -9.00 11.25
N MET A 92 9.75 -9.37 10.68
CA MET A 92 8.77 -8.40 10.17
C MET A 92 8.21 -7.55 11.30
N THR A 93 7.91 -8.19 12.44
CA THR A 93 7.42 -7.52 13.64
C THR A 93 8.45 -6.52 14.19
N THR A 94 9.70 -6.95 14.29
CA THR A 94 10.79 -6.11 14.78
C THR A 94 11.01 -4.89 13.87
N GLU A 95 10.92 -5.11 12.57
CA GLU A 95 11.07 -4.05 11.57
C GLU A 95 9.91 -3.06 11.61
N LEU A 96 8.70 -3.58 11.81
CA LEU A 96 7.50 -2.74 11.92
C LEU A 96 7.50 -1.89 13.18
N GLU A 97 7.95 -2.48 14.29
CA GLU A 97 8.09 -1.77 15.55
C GLU A 97 9.12 -0.64 15.44
N ALA A 98 10.22 -0.91 14.76
CA ALA A 98 11.26 0.10 14.50
C ALA A 98 10.75 1.22 13.59
N PHE A 99 10.00 0.85 12.55
CA PHE A 99 9.40 1.83 11.64
C PHE A 99 8.45 2.77 12.39
N ALA A 100 7.64 2.21 13.28
CA ALA A 100 6.70 2.98 14.11
C ALA A 100 7.39 3.92 15.10
N HIS A 101 8.67 3.67 15.35
CA HIS A 101 9.47 4.48 16.27
C HIS A 101 10.34 5.53 15.56
N ARG A 102 10.25 5.58 14.24
CA ARG A 102 11.07 6.49 13.45
C ARG A 102 10.71 7.95 13.72
N PRO A 103 11.72 8.78 14.01
CA PRO A 103 11.50 10.20 14.35
C PRO A 103 10.85 11.01 13.22
N GLU A 104 11.04 10.57 11.97
CA GLU A 104 10.54 11.30 10.80
C GLU A 104 9.02 11.39 10.69
N HIS A 105 8.31 10.44 11.32
CA HIS A 105 6.85 10.44 11.30
C HIS A 105 6.24 11.70 11.95
N LYS A 106 6.95 12.26 12.92
CA LYS A 106 6.52 13.49 13.60
C LYS A 106 6.41 14.68 12.65
N THR A 107 7.31 14.76 11.68
CA THR A 107 7.28 15.81 10.65
C THR A 107 6.77 15.27 9.31
N SER A 108 5.89 14.26 9.38
CA SER A 108 5.26 13.69 8.19
C SER A 108 3.75 13.78 8.30
N ASP A 109 3.08 13.69 7.15
CA ASP A 109 1.62 13.82 7.10
C ASP A 109 0.89 12.50 6.80
N SER A 110 1.67 11.46 6.49
CA SER A 110 1.13 10.17 6.07
C SER A 110 2.22 9.11 6.01
N THR A 111 1.81 7.86 5.78
CA THR A 111 2.76 6.78 5.52
C THR A 111 2.16 5.69 4.64
N PHE A 112 3.04 4.97 3.95
CA PHE A 112 2.68 3.80 3.15
C PHE A 112 3.46 2.58 3.66
N LEU A 113 2.76 1.48 3.86
CA LEU A 113 3.37 0.19 4.20
C LEU A 113 3.03 -0.80 3.11
N VAL A 114 4.05 -1.48 2.58
CA VAL A 114 3.84 -2.46 1.51
C VAL A 114 4.42 -3.82 1.88
N PHE A 115 3.57 -4.85 1.86
CA PHE A 115 3.98 -6.22 2.14
C PHE A 115 3.77 -7.08 0.90
N MET A 116 4.80 -7.83 0.51
CA MET A 116 4.73 -8.69 -0.65
C MET A 116 5.38 -10.03 -0.34
N SER A 117 4.57 -11.08 -0.29
CA SER A 117 5.03 -12.41 0.09
C SER A 117 4.01 -13.46 -0.34
N HIS A 118 4.29 -14.72 -0.01
CA HIS A 118 3.27 -15.76 -0.04
C HIS A 118 2.33 -15.49 1.13
N GLY A 119 1.13 -16.03 1.05
CA GLY A 119 0.17 -15.86 2.13
C GLY A 119 -0.80 -17.02 2.20
N ILE A 120 -1.40 -17.16 3.37
CA ILE A 120 -2.49 -18.10 3.59
C ILE A 120 -3.69 -17.32 4.12
N ARG A 121 -4.78 -18.02 4.42
CA ARG A 121 -5.99 -17.37 4.93
C ARG A 121 -5.72 -16.52 6.17
N GLU A 122 -4.88 -17.04 7.06
CA GLU A 122 -4.61 -16.42 8.37
C GLU A 122 -3.71 -15.20 8.29
N GLY A 123 -2.84 -15.13 7.29
CA GLY A 123 -1.94 -13.99 7.15
C GLY A 123 -0.80 -14.16 6.16
N ILE A 124 0.25 -13.36 6.36
CA ILE A 124 1.38 -13.26 5.45
C ILE A 124 2.54 -14.16 5.90
N CYS A 125 3.15 -14.87 4.94
CA CYS A 125 4.21 -15.83 5.23
C CYS A 125 5.58 -15.19 5.44
N GLY A 126 6.29 -15.66 6.46
CA GLY A 126 7.69 -15.34 6.66
C GLY A 126 8.57 -16.30 5.87
N LYS A 127 9.89 -16.03 5.86
CA LYS A 127 10.82 -16.81 5.06
C LYS A 127 10.95 -18.29 5.46
N LYS A 128 10.71 -18.58 6.73
CA LYS A 128 10.87 -19.92 7.28
C LYS A 128 9.58 -20.74 7.29
N HIS A 129 8.54 -20.22 6.65
CA HIS A 129 7.20 -20.82 6.71
C HIS A 129 7.12 -22.21 6.06
N SER A 130 6.43 -23.10 6.76
CA SER A 130 6.03 -24.40 6.22
C SER A 130 4.70 -24.81 6.85
N GLU A 131 4.06 -25.83 6.27
CA GLU A 131 2.81 -26.35 6.81
C GLU A 131 2.99 -26.96 8.20
N GLN A 132 4.12 -27.62 8.40
CA GLN A 132 4.46 -28.25 9.68
C GLN A 132 4.72 -27.21 10.77
N VAL A 133 5.50 -26.18 10.43
CA VAL A 133 5.82 -25.10 11.37
C VAL A 133 5.48 -23.74 10.71
N PRO A 134 4.29 -23.22 11.00
CA PRO A 134 3.85 -21.94 10.41
C PRO A 134 4.67 -20.74 10.86
N ASP A 135 4.93 -19.84 9.92
CA ASP A 135 5.59 -18.57 10.19
C ASP A 135 4.77 -17.46 9.56
N ILE A 136 3.79 -16.97 10.33
CA ILE A 136 2.76 -16.08 9.81
C ILE A 136 2.72 -14.75 10.58
N LEU A 137 2.62 -13.66 9.83
CA LEU A 137 2.31 -12.36 10.38
C LEU A 137 0.87 -12.01 10.02
N GLN A 138 0.05 -11.76 11.05
CA GLN A 138 -1.35 -11.44 10.87
C GLN A 138 -1.52 -9.96 10.53
N LEU A 139 -2.51 -9.66 9.68
CA LEU A 139 -2.87 -8.29 9.35
C LEU A 139 -3.23 -7.50 10.62
N ASN A 140 -3.87 -8.18 11.57
CA ASN A 140 -4.23 -7.59 12.86
C ASN A 140 -3.03 -7.01 13.62
N ALA A 141 -1.90 -7.71 13.56
CA ALA A 141 -0.67 -7.27 14.21
C ALA A 141 -0.11 -5.99 13.58
N ILE A 142 -0.20 -5.91 12.25
CA ILE A 142 0.24 -4.74 11.49
C ILE A 142 -0.49 -3.47 11.94
N PHE A 143 -1.82 -3.56 12.03
CA PHE A 143 -2.66 -2.45 12.49
C PHE A 143 -2.33 -2.05 13.93
N ASN A 144 -2.21 -3.05 14.80
CA ASN A 144 -1.88 -2.82 16.21
C ASN A 144 -0.57 -2.06 16.40
N MET A 145 0.44 -2.43 15.61
CA MET A 145 1.77 -1.83 15.72
C MET A 145 1.83 -0.39 15.20
N LEU A 146 0.84 -0.02 14.39
CA LEU A 146 0.81 1.30 13.77
C LEU A 146 -0.33 2.20 14.28
N ASN A 147 -1.10 1.72 15.26
CA ASN A 147 -2.20 2.51 15.80
C ASN A 147 -1.74 3.65 16.72
N THR A 148 -2.68 4.41 17.28
CA THR A 148 -2.34 5.58 18.09
C THR A 148 -1.57 5.23 19.38
N LYS A 149 -1.86 4.05 19.93
CA LYS A 149 -1.17 3.55 21.12
C LYS A 149 0.30 3.23 20.85
N ASN A 150 0.55 2.47 19.79
CA ASN A 150 1.91 1.99 19.49
C ASN A 150 2.68 2.88 18.51
N CYS A 151 1.98 3.83 17.91
CA CYS A 151 2.60 4.80 17.00
C CYS A 151 1.91 6.16 17.09
N PRO A 152 2.10 6.85 18.22
CA PRO A 152 1.45 8.15 18.46
C PRO A 152 1.82 9.25 17.46
N SER A 153 2.99 9.10 16.82
CA SER A 153 3.48 10.05 15.83
C SER A 153 2.61 10.11 14.58
N LEU A 154 1.89 9.02 14.31
CA LEU A 154 1.02 8.97 13.13
C LEU A 154 -0.47 9.18 13.45
N LYS A 155 -0.74 9.71 14.64
CA LYS A 155 -2.08 10.11 15.05
C LYS A 155 -2.67 11.11 14.04
N ASP A 156 -3.90 10.84 13.61
CA ASP A 156 -4.65 11.68 12.66
C ASP A 156 -4.08 11.67 11.22
N LYS A 157 -3.13 10.78 10.96
CA LYS A 157 -2.46 10.74 9.67
C LYS A 157 -2.78 9.44 8.91
N PRO A 158 -3.07 9.55 7.62
CA PRO A 158 -3.40 8.37 6.79
C PRO A 158 -2.28 7.34 6.78
N LYS A 159 -2.64 6.10 7.09
CA LYS A 159 -1.71 4.98 7.07
C LYS A 159 -2.22 3.96 6.06
N VAL A 160 -1.53 3.88 4.92
CA VAL A 160 -1.96 3.03 3.81
C VAL A 160 -1.15 1.74 3.80
N ILE A 161 -1.84 0.61 3.94
CA ILE A 161 -1.21 -0.71 3.93
C ILE A 161 -1.59 -1.46 2.65
N ILE A 162 -0.58 -1.85 1.88
CA ILE A 162 -0.79 -2.58 0.63
C ILE A 162 -0.21 -3.99 0.76
N ILE A 163 -1.03 -5.00 0.50
CA ILE A 163 -0.61 -6.40 0.63
C ILE A 163 -0.78 -7.20 -0.65
N GLN A 164 0.34 -7.64 -1.21
CA GLN A 164 0.34 -8.62 -2.30
C GLN A 164 0.68 -9.98 -1.69
N ALA A 165 -0.30 -10.87 -1.67
CA ALA A 165 -0.17 -12.22 -1.12
C ALA A 165 -1.41 -13.03 -1.44
N CYS A 166 -1.25 -14.35 -1.55
CA CYS A 166 -2.40 -15.25 -1.63
C CYS A 166 -3.11 -15.25 -0.28
N ARG A 167 -4.41 -15.55 -0.29
CA ARG A 167 -5.20 -15.57 0.93
C ARG A 167 -5.85 -16.92 1.14
N GLY A 168 -5.29 -17.93 0.47
CA GLY A 168 -5.83 -19.27 0.46
C GLY A 168 -5.52 -19.98 -0.85
N ASP A 169 -6.06 -21.18 -1.02
CA ASP A 169 -5.76 -22.05 -2.16
C ASP A 169 -6.67 -21.84 -3.37
N SER A 170 -7.83 -21.23 -3.15
CA SER A 170 -8.89 -21.20 -4.18
C SER A 170 -8.65 -20.22 -5.32
N PRO A 171 -9.15 -20.55 -6.52
CA PRO A 171 -8.97 -19.69 -7.71
C PRO A 171 -9.85 -18.43 -7.73
N GLY A 172 -10.83 -18.34 -6.82
CA GLY A 172 -11.64 -17.15 -6.66
C GLY A 172 -12.77 -16.99 -7.66
N VAL A 173 -13.17 -18.09 -8.29
CA VAL A 173 -14.18 -18.05 -9.34
C VAL A 173 -15.32 -19.06 -9.18
N VAL A 174 -16.45 -18.73 -9.80
CA VAL A 174 -17.59 -19.63 -9.95
C VAL A 174 -18.10 -19.51 -11.38
N TRP A 175 -18.73 -20.56 -11.90
CA TRP A 175 -19.31 -20.55 -13.24
C TRP A 175 -20.76 -20.07 -13.22
N PHE A 176 -21.17 -19.41 -14.30
CA PHE A 176 -22.57 -19.06 -14.54
C PHE A 176 -22.88 -19.17 -16.03
N LYS A 177 -24.15 -19.38 -16.36
CA LYS A 177 -24.58 -19.39 -17.76
C LYS A 177 -25.36 -18.14 -18.12
N ASP A 178 -25.05 -17.56 -19.28
CA ASP A 178 -25.70 -16.34 -19.76
C ASP A 178 -27.13 -16.62 -20.23
N ALA B 1 -2.57 19.31 30.20
CA ALA B 1 -3.93 18.72 30.06
C ALA B 1 -3.92 17.54 29.07
N ILE B 2 -4.57 16.45 29.46
CA ILE B 2 -4.66 15.26 28.61
C ILE B 2 -6.02 15.18 27.92
N LYS B 3 -6.02 14.65 26.69
CA LYS B 3 -7.24 14.50 25.90
C LYS B 3 -7.36 13.08 25.35
N LYS B 4 -8.58 12.68 25.02
CA LYS B 4 -8.85 11.35 24.48
C LYS B 4 -8.71 11.32 22.96
N ALA B 5 -8.13 10.24 22.45
CA ALA B 5 -8.03 10.00 21.01
C ALA B 5 -8.42 8.56 20.69
N HIS B 6 -9.00 8.36 19.52
CA HIS B 6 -9.32 7.00 19.05
C HIS B 6 -8.04 6.19 18.94
N ILE B 7 -8.06 4.97 19.48
CA ILE B 7 -6.89 4.08 19.43
C ILE B 7 -6.56 3.68 17.99
N GLU B 8 -7.61 3.50 17.18
CA GLU B 8 -7.47 3.09 15.78
C GLU B 8 -8.28 4.01 14.87
N LYS B 9 -7.58 4.76 14.02
CA LYS B 9 -8.19 5.73 13.11
C LYS B 9 -7.25 6.03 11.95
N ASP B 10 -7.82 6.45 10.82
CA ASP B 10 -7.08 6.87 9.63
C ASP B 10 -6.27 5.75 8.95
N PHE B 11 -6.81 4.53 9.00
CA PHE B 11 -6.19 3.39 8.33
C PHE B 11 -6.92 3.06 7.04
N ILE B 12 -6.18 2.53 6.06
CA ILE B 12 -6.76 1.82 4.92
C ILE B 12 -5.83 0.69 4.48
N ALA B 13 -6.39 -0.51 4.35
CA ALA B 13 -5.64 -1.64 3.79
C ALA B 13 -6.19 -2.02 2.42
N PHE B 14 -5.30 -2.42 1.52
CA PHE B 14 -5.67 -2.87 0.18
C PHE B 14 -4.97 -4.19 -0.11
N CYS B 15 -5.76 -5.26 -0.19
CA CYS B 15 -5.24 -6.61 -0.41
C CYS B 15 -5.43 -7.04 -1.86
N SER B 16 -4.52 -7.88 -2.35
CA SER B 16 -4.48 -8.27 -3.76
C SER B 16 -5.64 -9.18 -4.19
N SER B 17 -6.28 -9.86 -3.23
CA SER B 17 -7.40 -10.74 -3.52
C SER B 17 -8.40 -10.79 -2.37
N THR B 18 -9.52 -11.48 -2.60
CA THR B 18 -10.50 -11.73 -1.55
C THR B 18 -10.04 -12.88 -0.65
N PRO B 19 -10.53 -12.94 0.59
CA PRO B 19 -10.21 -14.06 1.50
C PRO B 19 -10.46 -15.42 0.86
N ASP B 20 -9.60 -16.40 1.17
CA ASP B 20 -9.65 -17.77 0.65
C ASP B 20 -8.99 -17.92 -0.73
N ASN B 21 -8.70 -16.79 -1.38
CA ASN B 21 -8.33 -16.81 -2.80
C ASN B 21 -6.90 -16.39 -3.12
N VAL B 22 -6.37 -16.98 -4.20
CA VAL B 22 -5.01 -16.73 -4.67
C VAL B 22 -4.84 -15.34 -5.28
N SER B 23 -3.59 -14.88 -5.30
CA SER B 23 -3.20 -13.68 -6.04
C SER B 23 -2.12 -14.05 -7.04
N TRP B 24 -2.19 -13.48 -8.23
CA TRP B 24 -1.33 -13.90 -9.34
C TRP B 24 -0.04 -13.08 -9.49
N ARG B 25 0.98 -13.71 -10.07
CA ARG B 25 2.29 -13.10 -10.29
C ARG B 25 2.97 -13.76 -11.50
N HIS B 26 3.60 -12.93 -12.34
CA HIS B 26 4.32 -13.39 -13.54
C HIS B 26 5.83 -13.37 -13.29
N PRO B 27 6.55 -14.42 -13.71
CA PRO B 27 7.99 -14.56 -13.45
C PRO B 27 8.87 -13.44 -14.01
N THR B 28 8.41 -12.75 -15.07
CA THR B 28 9.18 -11.66 -15.67
C THR B 28 8.46 -10.32 -15.58
N MET B 29 7.13 -10.36 -15.45
CA MET B 29 6.32 -9.14 -15.47
C MET B 29 5.89 -8.65 -14.07
N GLY B 30 6.06 -9.50 -13.06
CA GLY B 30 5.71 -9.16 -11.69
C GLY B 30 4.28 -9.49 -11.33
N SER B 31 3.81 -8.94 -10.20
CA SER B 31 2.45 -9.17 -9.72
C SER B 31 1.44 -8.24 -10.38
N VAL B 32 0.34 -8.81 -10.85
CA VAL B 32 -0.69 -8.04 -11.56
C VAL B 32 -1.32 -6.93 -10.72
N PHE B 33 -1.58 -7.22 -9.43
CA PHE B 33 -2.15 -6.24 -8.51
C PHE B 33 -1.21 -5.05 -8.32
N ILE B 34 0.08 -5.34 -8.17
CA ILE B 34 1.11 -4.30 -8.01
C ILE B 34 1.25 -3.44 -9.26
N GLY B 35 1.36 -4.08 -10.43
CA GLY B 35 1.46 -3.39 -11.69
C GLY B 35 0.27 -2.49 -11.96
N ARG B 36 -0.92 -3.03 -11.73
CA ARG B 36 -2.18 -2.30 -11.90
C ARG B 36 -2.31 -1.15 -10.90
N LEU B 37 -1.86 -1.38 -9.66
CA LEU B 37 -1.88 -0.33 -8.64
C LEU B 37 -0.99 0.84 -9.06
N ILE B 38 0.23 0.55 -9.50
CA ILE B 38 1.16 1.58 -9.97
C ILE B 38 0.57 2.39 -11.12
N GLU B 39 0.04 1.70 -12.13
CA GLU B 39 -0.53 2.36 -13.30
C GLU B 39 -1.67 3.31 -12.93
N HIS B 40 -2.56 2.85 -12.06
CA HIS B 40 -3.69 3.66 -11.59
C HIS B 40 -3.25 4.81 -10.70
N MET B 41 -2.24 4.56 -9.85
CA MET B 41 -1.67 5.62 -9.01
C MET B 41 -1.01 6.69 -9.89
N GLN B 42 -0.29 6.26 -10.92
CA GLN B 42 0.36 7.18 -11.85
C GLN B 42 -0.66 8.08 -12.57
N GLU B 43 -1.78 7.49 -12.97
CA GLU B 43 -2.80 8.18 -13.76
C GLU B 43 -3.72 9.06 -12.92
N TYR B 44 -4.13 8.56 -11.75
CA TYR B 44 -5.26 9.16 -11.02
C TYR B 44 -4.92 9.85 -9.69
N ALA B 45 -3.67 9.76 -9.25
CA ALA B 45 -3.25 10.42 -8.01
C ALA B 45 -3.50 11.94 -8.04
N CYS B 46 -3.44 12.51 -9.23
CA CYS B 46 -3.64 13.94 -9.44
C CYS B 46 -5.08 14.41 -9.22
N SER B 47 -6.05 13.52 -9.46
CA SER B 47 -7.46 13.91 -9.48
C SER B 47 -8.37 13.16 -8.50
N CYS B 48 -7.93 12.00 -8.02
CA CYS B 48 -8.74 11.15 -7.15
C CYS B 48 -8.09 10.87 -5.80
N ASP B 49 -8.92 10.69 -4.78
CA ASP B 49 -8.43 10.28 -3.46
C ASP B 49 -8.11 8.77 -3.47
N VAL B 50 -7.31 8.33 -2.49
CA VAL B 50 -6.79 6.96 -2.49
C VAL B 50 -7.89 5.88 -2.49
N GLU B 51 -8.99 6.13 -1.79
CA GLU B 51 -10.13 5.22 -1.77
C GLU B 51 -10.73 5.05 -3.16
N GLU B 52 -10.87 6.17 -3.88
CA GLU B 52 -11.38 6.18 -5.25
C GLU B 52 -10.45 5.43 -6.20
N ILE B 53 -9.14 5.67 -6.06
CA ILE B 53 -8.14 4.99 -6.88
C ILE B 53 -8.18 3.48 -6.68
N PHE B 54 -8.29 3.05 -5.42
CA PHE B 54 -8.37 1.63 -5.10
C PHE B 54 -9.61 0.99 -5.72
N ARG B 55 -10.73 1.72 -5.69
CA ARG B 55 -11.95 1.27 -6.33
C ARG B 55 -11.77 1.08 -7.84
N LYS B 56 -11.07 2.03 -8.47
CA LYS B 56 -10.77 1.94 -9.90
C LYS B 56 -9.91 0.72 -10.21
N VAL B 57 -8.94 0.43 -9.33
CA VAL B 57 -8.11 -0.78 -9.43
C VAL B 57 -9.00 -2.04 -9.38
N ARG B 58 -9.95 -2.06 -8.45
CA ARG B 58 -10.92 -3.16 -8.34
C ARG B 58 -11.73 -3.31 -9.63
N PHE B 59 -12.19 -2.19 -10.16
CA PHE B 59 -12.99 -2.16 -11.38
C PHE B 59 -12.25 -2.76 -12.58
N SER B 60 -10.94 -2.49 -12.66
CA SER B 60 -10.10 -3.03 -13.76
C SER B 60 -10.03 -4.55 -13.75
N PHE B 61 -10.32 -5.16 -12.61
CA PHE B 61 -10.32 -6.62 -12.46
C PHE B 61 -11.71 -7.25 -12.69
N GLU B 62 -12.73 -6.41 -12.87
CA GLU B 62 -14.13 -6.85 -12.93
C GLU B 62 -14.38 -8.03 -13.88
N GLN B 63 -13.92 -7.92 -15.12
CA GLN B 63 -14.11 -8.97 -16.11
C GLN B 63 -13.03 -10.04 -15.97
N PRO B 64 -13.43 -11.25 -15.57
CA PRO B 64 -12.48 -12.35 -15.34
C PRO B 64 -12.09 -13.06 -16.64
N ASP B 65 -10.80 -13.28 -16.83
CA ASP B 65 -10.31 -14.07 -17.96
C ASP B 65 -10.08 -15.52 -17.52
N GLY B 66 -8.98 -16.12 -17.96
CA GLY B 66 -8.61 -17.46 -17.54
C GLY B 66 -8.25 -17.51 -16.07
N ARG B 67 -7.48 -16.52 -15.63
CA ARG B 67 -7.15 -16.34 -14.22
C ARG B 67 -7.81 -15.08 -13.67
N ALA B 68 -8.35 -15.17 -12.46
CA ALA B 68 -9.09 -14.05 -11.86
C ALA B 68 -8.70 -13.79 -10.42
N GLN B 69 -8.81 -12.52 -10.02
CA GLN B 69 -8.67 -12.10 -8.63
C GLN B 69 -9.40 -10.78 -8.42
N MET B 70 -9.81 -10.53 -7.17
CA MET B 70 -10.55 -9.32 -6.83
C MET B 70 -9.93 -8.66 -5.60
N PRO B 71 -9.13 -7.62 -5.84
CA PRO B 71 -8.54 -6.85 -4.74
C PRO B 71 -9.60 -6.32 -3.79
N THR B 72 -9.28 -6.31 -2.49
CA THR B 72 -10.24 -5.95 -1.45
C THR B 72 -9.69 -4.86 -0.55
N THR B 73 -10.50 -3.83 -0.32
CA THR B 73 -10.18 -2.80 0.66
C THR B 73 -10.66 -3.27 2.04
N GLU B 74 -9.81 -3.09 3.06
CA GLU B 74 -10.06 -3.66 4.37
C GLU B 74 -9.87 -2.65 5.52
N ARG B 75 -10.66 -2.85 6.58
CA ARG B 75 -10.53 -2.13 7.86
C ARG B 75 -10.27 -0.62 7.72
N VAL B 76 -11.20 0.04 7.07
CA VAL B 76 -11.07 1.46 6.72
C VAL B 76 -11.58 2.36 7.84
N THR B 77 -10.70 3.21 8.35
CA THR B 77 -11.08 4.25 9.30
C THR B 77 -10.61 5.63 8.85
N LEU B 78 -10.41 5.80 7.55
CA LEU B 78 -10.16 7.11 6.99
C LEU B 78 -11.41 7.96 7.20
N THR B 79 -11.26 9.07 7.93
CA THR B 79 -12.38 9.96 8.22
C THR B 79 -12.50 11.06 7.17
N ARG B 80 -11.44 11.24 6.40
CA ARG B 80 -11.38 12.24 5.35
C ARG B 80 -10.91 11.62 4.03
N CYS B 81 -10.98 12.40 2.95
CA CYS B 81 -10.42 11.99 1.66
C CYS B 81 -8.91 12.24 1.68
N PHE B 82 -8.13 11.22 1.31
CA PHE B 82 -6.68 11.35 1.23
C PHE B 82 -6.24 11.59 -0.22
N TYR B 83 -5.97 12.86 -0.54
CA TYR B 83 -5.43 13.24 -1.85
C TYR B 83 -3.91 13.38 -1.76
N LEU B 84 -3.21 12.79 -2.73
CA LEU B 84 -1.75 12.77 -2.75
C LEU B 84 -1.14 14.10 -3.22
N PHE B 85 -1.93 14.89 -3.94
CA PHE B 85 -1.46 16.16 -4.54
C PHE B 85 -0.05 16.05 -5.14
N PRO B 86 0.16 15.15 -6.11
CA PRO B 86 1.50 14.93 -6.68
C PRO B 86 2.05 16.18 -7.36
N GLY B 87 3.29 16.54 -7.00
CA GLY B 87 3.90 17.78 -7.42
C GLY B 87 3.92 18.81 -6.30
N HIS B 88 3.10 18.58 -5.28
CA HIS B 88 3.00 19.49 -4.14
C HIS B 88 3.40 18.80 -2.83
O39 YBH C . 0.93 -16.90 -2.33
C31 YBH C . 0.50 -16.92 -3.48
C17 YBH C . 1.30 -16.27 -4.60
C12 YBH C . 1.21 -14.75 -4.45
C6 YBH C . 2.51 -14.08 -4.86
O38 YBH C . 3.54 -14.76 -5.03
O36 YBH C . 2.49 -12.84 -5.03
N4 YBH C . 0.86 -16.69 -5.92
C18 YBH C . 1.39 -17.73 -6.57
O35 YBH C . 2.20 -18.49 -6.07
C8 YBH C . 0.92 -17.95 -7.99
C28 YBH C . 0.02 -19.15 -8.10
S41 YBH C . -1.68 -19.04 -8.14
C9 YBH C . 0.47 -20.47 -8.20
C15 YBH C . -0.63 -21.33 -8.47
C7 YBH C . -1.81 -20.71 -8.48
C11 YBH C . 2.11 -18.08 -8.94
C25 YBH C . 1.71 -17.85 -10.39
C13 YBH C . 2.80 -18.30 -11.36
C14 YBH C . 2.23 -18.64 -12.73
N3 YBH C . 2.15 -17.49 -13.60
C33 YBH C . 1.42 -17.46 -14.72
O37 YBH C . 1.15 -18.49 -15.33
C16 YBH C . 0.93 -16.15 -15.25
C20 YBH C . 0.57 -16.03 -16.60
C21 YBH C . 0.12 -14.80 -17.10
C22 YBH C . 0.00 -13.70 -16.25
C23 YBH C . 0.36 -13.82 -14.90
C24 YBH C . 0.82 -15.04 -14.41
O34 YBH C . -0.44 -12.51 -16.75
C26 YBH C . -1.65 -11.92 -16.44
C27 YBH C . -2.23 -11.04 -17.36
N1 YBH C . -3.40 -10.46 -17.08
N2 YBH C . -2.28 -12.18 -15.28
C30 YBH C . -3.45 -11.59 -15.00
C29 YBH C . -4.03 -10.71 -15.93
C10 YBH C . -5.24 -10.08 -15.64
C32 YBH C . -5.89 -10.35 -14.43
C19 YBH C . -5.31 -11.22 -13.51
C5 YBH C . -4.10 -11.85 -13.79
#